data_3SPF
#
_entry.id   3SPF
#
_cell.length_a   103.748
_cell.length_b   103.748
_cell.length_c   35.320
_cell.angle_alpha   90.000
_cell.angle_beta   90.000
_cell.angle_gamma   90.000
#
_symmetry.space_group_name_H-M   'P 42 21 2'
#
loop_
_entity.id
_entity.type
_entity.pdbx_description
1 polymer 'Bcl-2-like protein 1'
2 non-polymer 4-(4-chlorophenyl)-1-[(3S)-3,4-dihydroxybutyl]-N-[3-(4-methylpiperazin-1-yl)propyl]-3-phenyl-1H-pyrrole-2-carboxamide
3 non-polymer GLYCEROL
4 water water
#
_entity_poly.entity_id   1
_entity_poly.type   'polypeptide(L)'
_entity_poly.pdbx_seq_one_letter_code
;SEFMSQSNRELVVDFLSYKLSQKGYSWSQFSDVEENRTEAPEGTESEAVKQALREAGDEFELRYRRAFSDLTSQLHITPG
TAYQSFEQVVNELFRDGVNWGRIVAFFSFGGALCVESVDKEMQVLVSRIAAWMATYLNDHLEPWIQENGGWDTFVELYGN
NAAAESRKGQER
;
_entity_poly.pdbx_strand_id   A
#
loop_
_chem_comp.id
_chem_comp.type
_chem_comp.name
_chem_comp.formula
B50 non-polymer 4-(4-chlorophenyl)-1-[(3S)-3,4-dihydroxybutyl]-N-[3-(4-methylpiperazin-1-yl)propyl]-3-phenyl-1H-pyrrole-2-carboxamide 'C29 H37 Cl N4 O3'
GOL non-polymer GLYCEROL 'C3 H8 O3'
#
# COMPACT_ATOMS: atom_id res chain seq x y z
N PHE A 3 -6.31 -6.51 18.15
CA PHE A 3 -5.00 -6.95 18.65
C PHE A 3 -3.94 -7.01 17.54
N MET A 4 -4.39 -7.03 16.27
CA MET A 4 -3.53 -7.04 15.08
C MET A 4 -3.28 -5.62 14.57
N SER A 5 -4.15 -4.66 14.98
CA SER A 5 -4.19 -3.27 14.54
C SER A 5 -2.82 -2.58 14.51
N GLN A 6 -2.08 -2.57 15.64
CA GLN A 6 -0.77 -1.92 15.72
C GLN A 6 0.27 -2.50 14.74
N SER A 7 0.43 -3.84 14.67
CA SER A 7 1.41 -4.48 13.76
C SER A 7 1.11 -4.18 12.27
N ASN A 8 -0.18 -4.29 11.87
CA ASN A 8 -0.61 -3.97 10.50
C ASN A 8 -0.37 -2.50 10.22
N ARG A 9 -0.66 -1.62 11.22
CA ARG A 9 -0.41 -0.19 11.06
CA ARG A 9 -0.41 -0.18 11.07
C ARG A 9 1.10 0.05 10.83
N GLU A 10 1.97 -0.65 11.61
CA GLU A 10 3.44 -0.51 11.49
C GLU A 10 3.96 -0.89 10.09
N LEU A 11 3.38 -1.93 9.50
CA LEU A 11 3.76 -2.38 8.17
C LEU A 11 3.37 -1.35 7.13
N VAL A 12 2.17 -0.80 7.26
CA VAL A 12 1.64 0.22 6.34
C VAL A 12 2.48 1.50 6.46
N VAL A 13 2.71 1.97 7.69
CA VAL A 13 3.49 3.21 7.85
C VAL A 13 4.94 3.02 7.39
N ASP A 14 5.57 1.86 7.63
CA ASP A 14 6.94 1.67 7.12
C ASP A 14 6.96 1.79 5.58
N PHE A 15 6.02 1.10 4.90
CA PHE A 15 5.99 1.10 3.45
C PHE A 15 5.72 2.52 2.93
N LEU A 16 4.69 3.19 3.47
CA LEU A 16 4.37 4.55 3.00
C LEU A 16 5.51 5.53 3.26
N SER A 17 6.16 5.46 4.44
CA SER A 17 7.29 6.34 4.76
CA SER A 17 7.27 6.35 4.75
C SER A 17 8.41 6.13 3.73
N TYR A 18 8.67 4.85 3.37
CA TYR A 18 9.70 4.49 2.39
C TYR A 18 9.40 5.09 1.03
N LYS A 19 8.14 4.95 0.55
CA LYS A 19 7.74 5.44 -0.77
C LYS A 19 7.75 6.96 -0.82
N LEU A 20 7.31 7.63 0.25
CA LEU A 20 7.33 9.09 0.27
C LEU A 20 8.78 9.58 0.21
N SER A 21 9.67 8.94 0.98
CA SER A 21 11.10 9.29 0.99
C SER A 21 11.74 9.07 -0.38
N GLN A 22 11.36 7.96 -1.04
CA GLN A 22 11.90 7.65 -2.37
C GLN A 22 11.54 8.75 -3.37
N LYS A 23 10.36 9.36 -3.21
CA LYS A 23 9.87 10.41 -4.10
C LYS A 23 10.28 11.82 -3.62
N GLY A 24 11.15 11.92 -2.62
CA GLY A 24 11.69 13.21 -2.20
C GLY A 24 11.07 13.87 -0.99
N TYR A 25 10.17 13.16 -0.30
CA TYR A 25 9.53 13.72 0.90
C TYR A 25 10.07 13.01 2.15
N SER A 26 10.88 13.75 2.96
CA SER A 26 11.55 13.25 4.19
C SER A 26 10.68 13.33 5.46
N TRP A 27 9.43 13.81 5.32
CA TRP A 27 8.48 13.93 6.42
C TRP A 27 7.56 12.68 6.57
N SER A 28 6.77 12.52 7.68
CA SER A 28 6.67 13.41 8.84
C SER A 28 7.67 13.03 9.93
N GLU A 45 11.03 -12.24 11.70
CA GLU A 45 11.61 -10.91 11.85
C GLU A 45 10.73 -9.86 11.15
N SER A 46 10.30 -8.83 11.92
CA SER A 46 9.49 -7.71 11.46
C SER A 46 10.26 -6.88 10.43
N GLU A 47 11.59 -6.76 10.60
CA GLU A 47 12.47 -6.03 9.69
C GLU A 47 12.60 -6.77 8.35
N ALA A 48 12.62 -8.12 8.38
CA ALA A 48 12.68 -8.91 7.15
C ALA A 48 11.40 -8.72 6.32
N VAL A 49 10.24 -8.63 7.00
CA VAL A 49 8.94 -8.42 6.32
C VAL A 49 8.93 -7.03 5.68
N LYS A 50 9.30 -5.99 6.47
CA LYS A 50 9.33 -4.61 5.97
C LYS A 50 10.26 -4.49 4.77
N GLN A 51 11.48 -5.10 4.83
CA GLN A 51 12.42 -5.05 3.70
C GLN A 51 11.88 -5.77 2.46
N ALA A 52 11.26 -6.95 2.62
CA ALA A 52 10.71 -7.71 1.49
C ALA A 52 9.61 -6.91 0.80
N LEU A 53 8.74 -6.25 1.60
CA LEU A 53 7.65 -5.44 1.05
CA LEU A 53 7.65 -5.43 1.05
C LEU A 53 8.19 -4.22 0.29
N ARG A 54 9.24 -3.56 0.83
CA ARG A 54 9.85 -2.41 0.14
C ARG A 54 10.39 -2.86 -1.23
N GLU A 55 11.09 -4.02 -1.24
CA GLU A 55 11.68 -4.58 -2.47
C GLU A 55 10.58 -4.97 -3.45
N ALA A 56 9.53 -5.65 -2.95
CA ALA A 56 8.42 -6.06 -3.81
C ALA A 56 7.69 -4.83 -4.40
N GLY A 57 7.49 -3.80 -3.59
CA GLY A 57 6.86 -2.57 -4.04
C GLY A 57 7.68 -1.90 -5.16
N ASP A 58 9.00 -1.87 -4.98
CA ASP A 58 9.91 -1.29 -5.99
C ASP A 58 9.83 -2.10 -7.29
N GLU A 59 9.89 -3.44 -7.17
CA GLU A 59 9.82 -4.28 -8.37
C GLU A 59 8.50 -4.09 -9.09
N PHE A 60 7.39 -4.00 -8.32
CA PHE A 60 6.06 -3.80 -8.86
C PHE A 60 5.98 -2.48 -9.64
N GLU A 61 6.50 -1.41 -9.03
CA GLU A 61 6.45 -0.09 -9.65
C GLU A 61 7.28 -0.07 -10.92
N LEU A 62 8.44 -0.74 -10.91
CA LEU A 62 9.28 -0.78 -12.12
C LEU A 62 8.58 -1.58 -13.21
N ARG A 63 7.88 -2.67 -12.86
CA ARG A 63 7.23 -3.50 -13.86
C ARG A 63 6.00 -2.77 -14.45
N TYR A 64 5.22 -2.07 -13.59
CA TYR A 64 3.96 -1.43 -13.97
C TYR A 64 4.00 0.11 -13.95
N ARG A 65 5.19 0.70 -14.20
CA ARG A 65 5.40 2.17 -14.25
C ARG A 65 4.28 2.85 -15.10
N ARG A 66 3.92 2.28 -16.28
CA ARG A 66 2.88 2.80 -17.18
C ARG A 66 1.53 2.98 -16.46
N ALA A 67 1.13 1.96 -15.68
CA ALA A 67 -0.13 1.96 -14.93
C ALA A 67 -0.13 3.02 -13.82
N PHE A 68 1.06 3.36 -13.26
CA PHE A 68 1.16 4.42 -12.23
C PHE A 68 0.90 5.77 -12.88
N SER A 69 1.44 5.95 -14.11
CA SER A 69 1.27 7.17 -14.90
C SER A 69 -0.22 7.36 -15.22
N ASP A 70 -0.91 6.26 -15.61
CA ASP A 70 -2.34 6.28 -15.92
C ASP A 70 -3.15 6.59 -14.65
N LEU A 71 -2.71 6.07 -13.50
CA LEU A 71 -3.36 6.35 -12.21
C LEU A 71 -3.23 7.82 -11.81
N THR A 72 -2.00 8.38 -11.89
CA THR A 72 -1.68 9.76 -11.52
C THR A 72 -2.36 10.79 -12.46
N SER A 73 -2.77 10.35 -13.67
CA SER A 73 -3.42 11.20 -14.66
C SER A 73 -4.96 11.11 -14.63
N GLN A 74 -5.53 10.07 -13.96
CA GLN A 74 -6.97 9.85 -13.92
C GLN A 74 -7.61 10.01 -12.53
N LEU A 75 -6.78 10.10 -11.47
CA LEU A 75 -7.22 10.22 -10.08
C LEU A 75 -8.02 11.48 -9.80
N HIS A 76 -7.43 12.67 -10.11
CA HIS A 76 -7.95 14.01 -9.82
C HIS A 76 -8.29 14.05 -8.33
N ILE A 77 -7.33 13.59 -7.49
CA ILE A 77 -7.50 13.45 -6.04
C ILE A 77 -7.87 14.77 -5.39
N THR A 78 -8.89 14.71 -4.55
CA THR A 78 -9.37 15.79 -3.71
C THR A 78 -9.63 15.16 -2.35
N PRO A 79 -9.66 15.92 -1.23
CA PRO A 79 -9.99 15.27 0.06
C PRO A 79 -11.36 14.61 0.02
N GLY A 80 -12.29 15.16 -0.77
CA GLY A 80 -13.66 14.66 -0.88
C GLY A 80 -13.81 13.39 -1.70
N THR A 81 -12.93 13.16 -2.69
CA THR A 81 -13.01 11.98 -3.57
C THR A 81 -11.99 10.88 -3.24
N ALA A 82 -10.98 11.18 -2.39
CA ALA A 82 -9.88 10.26 -2.12
C ALA A 82 -10.38 8.92 -1.60
N TYR A 83 -11.36 8.91 -0.66
CA TYR A 83 -11.83 7.62 -0.13
C TYR A 83 -12.55 6.81 -1.20
N GLN A 84 -13.43 7.47 -1.99
CA GLN A 84 -14.18 6.82 -3.08
CA GLN A 84 -14.18 6.80 -3.06
C GLN A 84 -13.20 6.16 -4.06
N SER A 85 -12.12 6.87 -4.45
CA SER A 85 -11.10 6.36 -5.37
C SER A 85 -10.38 5.18 -4.75
N PHE A 86 -9.99 5.32 -3.46
CA PHE A 86 -9.31 4.26 -2.74
C PHE A 86 -10.18 2.98 -2.72
N GLU A 87 -11.42 3.09 -2.26
CA GLU A 87 -12.37 1.97 -2.15
C GLU A 87 -12.61 1.31 -3.52
N GLN A 88 -12.80 2.11 -4.58
CA GLN A 88 -13.06 1.59 -5.94
C GLN A 88 -11.90 0.72 -6.44
N VAL A 89 -10.66 1.25 -6.35
CA VAL A 89 -9.49 0.54 -6.83
C VAL A 89 -9.24 -0.72 -6.01
N VAL A 90 -9.27 -0.59 -4.67
CA VAL A 90 -9.00 -1.74 -3.79
C VAL A 90 -10.07 -2.85 -4.04
N ASN A 91 -11.37 -2.49 -4.19
CA ASN A 91 -12.38 -3.50 -4.44
CA ASN A 91 -12.44 -3.44 -4.48
C ASN A 91 -12.14 -4.20 -5.78
N GLU A 92 -11.71 -3.46 -6.81
CA GLU A 92 -11.40 -4.03 -8.12
C GLU A 92 -10.17 -4.95 -8.05
N LEU A 93 -9.17 -4.52 -7.28
CA LEU A 93 -7.93 -5.30 -7.15
C LEU A 93 -8.19 -6.70 -6.58
N PHE A 94 -9.05 -6.78 -5.57
CA PHE A 94 -9.32 -8.05 -4.88
C PHE A 94 -10.63 -8.71 -5.27
N ARG A 95 -11.31 -8.23 -6.33
CA ARG A 95 -12.58 -8.77 -6.83
C ARG A 95 -12.53 -10.30 -7.01
N ASP A 96 -11.45 -10.82 -7.59
CA ASP A 96 -11.33 -12.26 -7.88
C ASP A 96 -10.61 -13.05 -6.78
N GLY A 97 -10.39 -12.40 -5.63
CA GLY A 97 -9.73 -13.02 -4.50
C GLY A 97 -8.36 -12.44 -4.23
N VAL A 98 -7.72 -12.96 -3.18
CA VAL A 98 -6.40 -12.48 -2.76
C VAL A 98 -5.30 -13.40 -3.24
N ASN A 99 -4.13 -12.79 -3.51
CA ASN A 99 -2.87 -13.48 -3.76
C ASN A 99 -1.77 -12.50 -3.37
N TRP A 100 -0.54 -13.00 -3.25
CA TRP A 100 0.55 -12.09 -2.81
C TRP A 100 0.77 -10.92 -3.78
N GLY A 101 0.70 -11.16 -5.09
CA GLY A 101 0.87 -10.10 -6.07
C GLY A 101 -0.12 -8.97 -5.89
N ARG A 102 -1.39 -9.31 -5.60
CA ARG A 102 -2.42 -8.29 -5.38
C ARG A 102 -2.18 -7.52 -4.07
N ILE A 103 -1.64 -8.22 -3.04
CA ILE A 103 -1.27 -7.53 -1.80
C ILE A 103 -0.16 -6.52 -2.10
N VAL A 104 0.83 -6.91 -2.90
CA VAL A 104 1.91 -5.97 -3.27
C VAL A 104 1.29 -4.77 -4.05
N ALA A 105 0.35 -5.04 -4.95
CA ALA A 105 -0.33 -3.96 -5.71
C ALA A 105 -1.07 -3.02 -4.75
N PHE A 106 -1.72 -3.59 -3.72
CA PHE A 106 -2.47 -2.82 -2.71
C PHE A 106 -1.53 -1.85 -1.97
N PHE A 107 -0.40 -2.35 -1.47
CA PHE A 107 0.56 -1.46 -0.81
C PHE A 107 1.05 -0.39 -1.80
N SER A 108 1.42 -0.82 -3.02
CA SER A 108 1.93 0.09 -4.05
C SER A 108 0.92 1.19 -4.40
N PHE A 109 -0.36 0.81 -4.49
CA PHE A 109 -1.41 1.78 -4.79
C PHE A 109 -1.52 2.81 -3.67
N GLY A 110 -1.54 2.36 -2.43
CA GLY A 110 -1.56 3.26 -1.27
C GLY A 110 -0.38 4.22 -1.30
N GLY A 111 0.81 3.69 -1.60
CA GLY A 111 2.01 4.52 -1.72
C GLY A 111 1.84 5.60 -2.77
N ALA A 112 1.34 5.21 -3.97
CA ALA A 112 1.12 6.14 -5.08
C ALA A 112 0.10 7.24 -4.71
N LEU A 113 -0.97 6.85 -4.01
CA LEU A 113 -2.00 7.80 -3.57
C LEU A 113 -1.43 8.81 -2.60
N CYS A 114 -0.55 8.36 -1.69
CA CYS A 114 0.10 9.26 -0.71
C CYS A 114 1.02 10.25 -1.41
N VAL A 115 1.85 9.76 -2.35
CA VAL A 115 2.76 10.66 -3.07
C VAL A 115 1.95 11.70 -3.84
N GLU A 116 0.88 11.25 -4.51
CA GLU A 116 0.02 12.17 -5.28
C GLU A 116 -0.62 13.21 -4.36
N SER A 117 -1.08 12.78 -3.16
CA SER A 117 -1.68 13.70 -2.19
C SER A 117 -0.69 14.80 -1.80
N VAL A 118 0.57 14.42 -1.49
CA VAL A 118 1.59 15.42 -1.11
C VAL A 118 1.90 16.34 -2.30
N ASP A 119 1.99 15.78 -3.52
CA ASP A 119 2.26 16.55 -4.74
C ASP A 119 1.20 17.64 -4.99
N LYS A 120 -0.07 17.34 -4.66
CA LYS A 120 -1.21 18.23 -4.87
C LYS A 120 -1.53 19.09 -3.65
N GLU A 121 -0.59 19.14 -2.67
CA GLU A 121 -0.70 19.93 -1.43
C GLU A 121 -1.92 19.52 -0.59
N MET A 122 -2.19 18.20 -0.59
CA MET A 122 -3.26 17.57 0.16
C MET A 122 -2.66 16.58 1.15
N GLN A 123 -1.55 16.97 1.83
CA GLN A 123 -0.81 16.16 2.81
C GLN A 123 -1.70 15.56 3.90
N VAL A 124 -2.83 16.21 4.21
CA VAL A 124 -3.81 15.77 5.22
C VAL A 124 -4.31 14.32 4.91
N LEU A 125 -4.34 13.95 3.63
CA LEU A 125 -4.80 12.63 3.18
C LEU A 125 -3.82 11.50 3.51
N VAL A 126 -2.53 11.80 3.73
CA VAL A 126 -1.53 10.74 3.98
C VAL A 126 -1.93 9.90 5.21
N SER A 127 -2.19 10.54 6.37
CA SER A 127 -2.58 9.79 7.58
C SER A 127 -3.94 9.07 7.37
N ARG A 128 -4.84 9.66 6.57
CA ARG A 128 -6.15 9.05 6.31
C ARG A 128 -5.96 7.76 5.49
N ILE A 129 -5.18 7.84 4.41
CA ILE A 129 -4.88 6.67 3.54
C ILE A 129 -4.20 5.56 4.36
N ALA A 130 -3.24 5.93 5.24
CA ALA A 130 -2.58 4.93 6.10
C ALA A 130 -3.61 4.19 6.94
N ALA A 131 -4.59 4.93 7.52
CA ALA A 131 -5.64 4.31 8.33
C ALA A 131 -6.52 3.41 7.47
N TRP A 132 -6.95 3.89 6.29
CA TRP A 132 -7.79 3.06 5.40
C TRP A 132 -7.07 1.77 5.02
N MET A 133 -5.76 1.86 4.75
CA MET A 133 -4.96 0.67 4.41
C MET A 133 -4.85 -0.30 5.57
N ALA A 134 -4.54 0.19 6.78
CA ALA A 134 -4.40 -0.67 7.97
C ALA A 134 -5.74 -1.38 8.25
N THR A 135 -6.87 -0.65 8.12
CA THR A 135 -8.19 -1.23 8.37
C THR A 135 -8.48 -2.34 7.34
N TYR A 136 -8.18 -2.07 6.06
CA TYR A 136 -8.46 -3.07 5.02
C TYR A 136 -7.56 -4.30 5.24
N LEU A 137 -6.28 -4.08 5.58
CA LEU A 137 -5.38 -5.21 5.86
C LEU A 137 -5.94 -6.03 7.04
N ASN A 138 -6.33 -5.35 8.12
CA ASN A 138 -6.89 -6.00 9.33
C ASN A 138 -8.14 -6.80 9.07
N ASP A 139 -9.10 -6.18 8.35
CA ASP A 139 -10.43 -6.72 8.20
C ASP A 139 -10.61 -7.67 7.03
N HIS A 140 -9.82 -7.52 5.97
CA HIS A 140 -10.03 -8.31 4.77
C HIS A 140 -8.83 -9.11 4.30
N LEU A 141 -7.59 -8.73 4.66
CA LEU A 141 -6.44 -9.44 4.12
C LEU A 141 -5.78 -10.36 5.14
N GLU A 142 -5.81 -9.98 6.42
CA GLU A 142 -5.16 -10.74 7.49
C GLU A 142 -5.61 -12.25 7.50
N PRO A 143 -6.91 -12.62 7.38
CA PRO A 143 -7.26 -14.07 7.38
C PRO A 143 -6.58 -14.83 6.26
N TRP A 144 -6.57 -14.27 5.02
CA TRP A 144 -5.92 -14.92 3.88
C TRP A 144 -4.41 -15.04 4.15
N ILE A 145 -3.79 -13.95 4.66
CA ILE A 145 -2.34 -13.95 4.92
C ILE A 145 -1.96 -15.12 5.84
N GLN A 146 -2.67 -15.27 6.96
CA GLN A 146 -2.40 -16.35 7.90
C GLN A 146 -2.62 -17.74 7.26
N GLU A 147 -3.69 -17.88 6.46
CA GLU A 147 -4.02 -19.15 5.81
C GLU A 147 -3.05 -19.52 4.69
N ASN A 148 -2.26 -18.54 4.20
CA ASN A 148 -1.34 -18.79 3.09
C ASN A 148 0.11 -18.71 3.52
N GLY A 149 0.36 -19.01 4.79
CA GLY A 149 1.70 -19.13 5.35
C GLY A 149 2.26 -17.96 6.12
N GLY A 150 1.49 -16.88 6.21
CA GLY A 150 1.91 -15.69 6.93
C GLY A 150 2.96 -14.89 6.20
N TRP A 151 3.38 -13.78 6.80
CA TRP A 151 4.38 -12.92 6.18
C TRP A 151 5.74 -13.62 6.02
N ASP A 152 6.04 -14.69 6.81
CA ASP A 152 7.32 -15.40 6.62
C ASP A 152 7.35 -16.06 5.23
N THR A 153 6.17 -16.50 4.75
CA THR A 153 6.07 -17.10 3.40
C THR A 153 6.29 -16.00 2.36
N PHE A 154 5.69 -14.84 2.57
CA PHE A 154 5.88 -13.69 1.67
C PHE A 154 7.39 -13.34 1.56
N VAL A 155 8.12 -13.32 2.70
CA VAL A 155 9.54 -13.00 2.73
C VAL A 155 10.31 -14.01 1.86
N GLU A 156 9.95 -15.29 1.93
CA GLU A 156 10.59 -16.34 1.16
C GLU A 156 10.37 -16.14 -0.34
N LEU A 157 9.15 -15.78 -0.75
CA LEU A 157 8.81 -15.63 -2.16
C LEU A 157 9.25 -14.31 -2.78
N TYR A 158 9.35 -13.21 -1.99
CA TYR A 158 9.66 -11.86 -2.51
C TYR A 158 10.92 -11.20 -1.95
N GLY A 159 11.38 -11.64 -0.78
CA GLY A 159 12.57 -11.06 -0.15
C GLY A 159 13.88 -11.58 -0.70
N ASN A 160 14.98 -10.86 -0.38
CA ASN A 160 16.38 -11.13 -0.77
C ASN A 160 16.54 -11.39 -2.26
CAA B50 B . -8.85 -3.12 -19.84
CAA B50 B . -8.56 -3.10 -20.00
OAB B50 B . -6.62 -4.73 -11.36
OAB B50 B . -4.63 -5.46 -13.96
OAC B50 B . -10.41 -1.88 -13.55
OAC B50 B . -1.09 -4.23 -18.63
OAD B50 B . -9.13 0.59 -14.02
OAD B50 B . -0.64 -2.77 -15.99
CLAE B50 B . -0.18 2.10 -8.23
CLAE B50 B . -0.48 0.95 -7.94
CAF B50 B . -0.93 -4.77 -11.57
CAF B50 B . -1.43 -6.98 -10.15
CAG B50 B . -1.14 -3.66 -12.40
CAG B50 B . -0.63 -6.53 -11.20
CAH B50 B . -1.86 -5.09 -10.59
CAH B50 B . -2.63 -6.35 -9.86
CAI B50 B . -2.28 -2.87 -12.23
CAI B50 B . -1.04 -5.42 -11.95
CAJ B50 B . -3.01 -4.30 -10.43
CAJ B50 B . -3.05 -5.24 -10.62
CAK B50 B . -2.26 1.69 -9.89
CAK B50 B . -0.53 0.06 -10.40
CAL B50 B . -1.53 -0.19 -8.54
CAL B50 B . -2.04 -1.04 -8.87
CAM B50 B . -3.26 0.90 -10.46
CAM B50 B . -0.97 -0.78 -11.41
CAN B50 B . -2.55 -0.97 -9.10
CAN B50 B . -2.47 -1.88 -9.89
CAO B50 B . -5.66 -0.81 -10.61
CAO B50 B . -2.87 -1.78 -13.26
CAP B50 B . -9.05 -1.82 -13.99
CAP B50 B . -1.54 -2.93 -18.25
CAQ B50 B . -7.18 -5.33 -14.60
CAQ B50 B . -3.51 -6.24 -17.33
CAR B50 B . -5.76 -5.40 -13.99
CAR B50 B . -3.00 -6.67 -15.95
CAS B50 B . -8.35 -0.45 -11.98
CAS B50 B . -2.81 -1.77 -16.41
CAT B50 B . -7.27 -4.16 -15.58
CAT B50 B . -4.79 -5.39 -17.19
CAU B50 B . -7.36 -4.75 -18.90
CAU B50 B . -7.64 -4.62 -18.38
CAV B50 B . -7.33 -2.45 -18.10
CAV B50 B . -6.36 -2.65 -19.13
CAW B50 B . -6.70 -5.30 -17.64
CAW B50 B . -6.41 -5.34 -18.92
CAX B50 B . -6.09 -2.94 -17.32
CAX B50 B . -5.25 -3.28 -18.28
CAY B50 B . -7.85 -1.76 -11.37
CAY B50 B . -3.90 -2.25 -15.45
NAZ B50 B . -5.47 -4.17 -13.24
NAZ B50 B . -2.69 -5.48 -15.15
CBA B50 B . -5.92 -3.95 -11.99
CBA B50 B . -3.54 -4.98 -14.23
CBB B50 B . -1.40 1.14 -8.95
CBB B50 B . -1.05 -0.08 -9.12
CBC B50 B . -3.39 -0.45 -10.08
CBC B50 B . -1.91 -1.78 -11.17
CBD B50 B . -3.21 -3.19 -11.25
CBD B50 B . -2.24 -4.77 -11.65
CBE B50 B . -4.38 -1.20 -10.60
CBE B50 B . -2.38 -2.44 -12.22
CBF B50 B . -4.31 -2.44 -11.10
CBF B50 B . -2.62 -3.74 -12.40
CBG B50 B . -5.54 -2.78 -11.46
CBG B50 B . -3.12 -3.86 -13.63
CBH B50 B . -8.39 -0.53 -13.52
CBH B50 B . -1.85 -2.90 -16.74
NBI B50 B . -8.17 -3.55 -18.61
NBI B50 B . -7.70 -3.22 -18.82
NBJ B50 B . -6.30 -4.26 -16.68
NBJ B50 B . -5.15 -4.73 -18.47
NBK B50 B . -6.38 -1.79 -11.15
NBK B50 B . -3.33 -2.65 -14.14
C1 GOL C . 4.66 13.21 4.69
O1 GOL C . 3.99 12.35 5.64
C2 GOL C . 3.74 14.30 4.10
O2 GOL C . 4.42 15.56 3.99
C3 GOL C . 2.41 14.47 4.85
O3 GOL C . 2.59 14.89 6.20
C1 GOL D . -0.68 12.01 12.98
O1 GOL D . -1.24 13.25 12.54
C2 GOL D . 0.57 12.22 13.87
O2 GOL D . 0.45 13.37 14.72
C3 GOL D . 1.81 12.31 12.97
O3 GOL D . 2.93 11.68 13.61
C1 GOL E . 4.68 -8.36 -7.10
O1 GOL E . 3.72 -8.45 -8.14
C2 GOL E . 6.08 -8.03 -7.64
O2 GOL E . 6.86 -7.37 -6.66
C3 GOL E . 6.17 -7.23 -8.95
O3 GOL E . 5.27 -7.70 -9.95
C1 GOL F . -7.63 -7.70 -11.67
O1 GOL F . -8.68 -6.90 -11.08
C2 GOL F . -6.75 -8.39 -10.62
O2 GOL F . -6.47 -7.51 -9.53
C3 GOL F . -5.44 -8.81 -11.30
O3 GOL F . -4.55 -9.41 -10.35
#